data_6MEN
#
_entry.id   6MEN
#
_cell.length_a   33.548
_cell.length_b   41.691
_cell.length_c   60.001
_cell.angle_alpha   73.040
_cell.angle_beta   88.370
_cell.angle_gamma   88.050
#
_symmetry.space_group_name_H-M   'P 1'
#
loop_
_entity.id
_entity.type
_entity.pdbx_description
1 polymer 'Replicase polyprotein 1ab'
2 non-polymer "ADENOSINE-5'-DIPHOSPHATE-GLUCOSE"
3 water water
#
_entity_poly.entity_id   1
_entity_poly.type   'polypeptide(L)'
_entity_poly.pdbx_seq_one_letter_code
;SHMSKYKHTVINNSVTLVLGDAIQIASLLPKCILVNAANRHLKHGGGIAGVINKASGGDVQEESDEYISNNGPLHVGDSV
LLKGHGLADAILHVVGPDARNNEDAALLKRCYKAFNKHTIVVTPLISAGIFSVDPKVSFEYLLANVTTTTYVVVNNEDIY
NTLATPSKPDGLVY
;
_entity_poly.pdbx_strand_id   A,B
#
loop_
_chem_comp.id
_chem_comp.type
_chem_comp.name
_chem_comp.formula
ADQ non-polymer ADENOSINE-5'-DIPHOSPHATE-GLUCOSE 'C16 H25 N5 O15 P2'
#
# COMPACT_ATOMS: atom_id res chain seq x y z
N SER A 4 16.18 -23.89 -5.08
CA SER A 4 15.69 -25.00 -4.26
C SER A 4 15.30 -24.52 -2.86
N LYS A 5 15.90 -23.42 -2.39
CA LYS A 5 15.71 -22.93 -1.02
C LYS A 5 14.61 -21.85 -0.96
N TYR A 6 13.81 -21.73 -2.02
CA TYR A 6 12.66 -20.81 -2.05
C TYR A 6 11.40 -21.53 -2.52
N LYS A 7 10.25 -21.05 -2.04
CA LYS A 7 8.97 -21.35 -2.65
C LYS A 7 8.95 -20.65 -4.02
N HIS A 8 8.95 -21.43 -5.09
CA HIS A 8 8.96 -20.91 -6.45
C HIS A 8 8.18 -21.83 -7.39
N THR A 9 7.59 -21.23 -8.42
CA THR A 9 6.89 -21.95 -9.47
C THR A 9 7.43 -21.47 -10.81
N VAL A 10 7.91 -22.43 -11.62
CA VAL A 10 8.33 -22.13 -12.96
C VAL A 10 7.08 -22.10 -13.83
N ILE A 11 6.85 -20.95 -14.49
CA ILE A 11 5.63 -20.69 -15.24
C ILE A 11 5.84 -21.14 -16.70
N ASN A 12 7.00 -20.77 -17.27
CA ASN A 12 7.35 -21.16 -18.63
C ASN A 12 8.87 -21.25 -18.74
N ASN A 13 9.38 -21.25 -19.98
CA ASN A 13 10.82 -21.35 -20.26
C ASN A 13 11.57 -20.09 -19.78
N SER A 14 10.86 -18.97 -19.59
CA SER A 14 11.48 -17.68 -19.26
C SER A 14 11.26 -17.28 -17.79
N VAL A 15 10.02 -17.42 -17.32
CA VAL A 15 9.53 -16.75 -16.11
C VAL A 15 9.39 -17.77 -14.96
N THR A 16 10.00 -17.43 -13.83
CA THR A 16 9.83 -18.13 -12.55
C THR A 16 9.23 -17.16 -11.54
N LEU A 17 8.14 -17.58 -10.89
CA LEU A 17 7.49 -16.84 -9.81
C LEU A 17 8.12 -17.29 -8.49
N VAL A 18 8.54 -16.32 -7.68
CA VAL A 18 9.26 -16.61 -6.43
C VAL A 18 8.55 -15.87 -5.29
N LEU A 19 8.27 -16.62 -4.22
CA LEU A 19 7.86 -16.04 -2.96
C LEU A 19 9.12 -15.69 -2.18
N GLY A 20 9.36 -14.39 -1.99
CA GLY A 20 10.51 -13.95 -1.24
C GLY A 20 10.80 -12.49 -1.44
N ASP A 21 12.10 -12.15 -1.27
CA ASP A 21 12.60 -10.79 -1.24
C ASP A 21 13.48 -10.56 -2.47
N ALA A 22 13.10 -9.60 -3.33
CA ALA A 22 13.76 -9.35 -4.61
C ALA A 22 15.24 -8.99 -4.42
N ILE A 23 15.54 -8.21 -3.38
CA ILE A 23 16.92 -7.85 -3.08
C ILE A 23 17.72 -9.12 -2.70
N GLN A 24 17.12 -10.01 -1.91
CA GLN A 24 17.76 -11.26 -1.51
C GLN A 24 18.06 -12.12 -2.76
N ILE A 25 17.09 -12.19 -3.67
CA ILE A 25 17.19 -13.06 -4.86
C ILE A 25 18.22 -12.48 -5.83
N ALA A 26 18.24 -11.16 -6.00
CA ALA A 26 19.24 -10.52 -6.87
C ALA A 26 20.64 -10.75 -6.31
N SER A 27 20.77 -10.77 -4.98
CA SER A 27 22.04 -10.98 -4.29
C SER A 27 22.60 -12.38 -4.58
N LEU A 28 21.71 -13.37 -4.69
CA LEU A 28 22.09 -14.78 -4.81
C LEU A 28 22.57 -15.09 -6.24
N LEU A 29 22.13 -14.30 -7.22
CA LEU A 29 22.47 -14.52 -8.62
C LEU A 29 23.79 -13.83 -8.95
N PRO A 30 24.74 -14.52 -9.63
CA PRO A 30 26.02 -13.93 -9.98
C PRO A 30 25.90 -12.74 -10.95
N LYS A 31 24.94 -12.78 -11.87
CA LYS A 31 24.72 -11.70 -12.83
C LYS A 31 23.22 -11.49 -13.03
N CYS A 32 22.77 -10.25 -12.80
CA CYS A 32 21.40 -9.90 -13.09
C CYS A 32 21.21 -8.38 -13.11
N ILE A 33 20.09 -7.98 -13.71
CA ILE A 33 19.50 -6.65 -13.54
C ILE A 33 18.43 -6.77 -12.46
N LEU A 34 18.37 -5.79 -11.56
CA LEU A 34 17.26 -5.65 -10.63
C LEU A 34 16.36 -4.53 -11.14
N VAL A 35 15.06 -4.80 -11.19
CA VAL A 35 14.09 -3.81 -11.61
C VAL A 35 13.53 -3.10 -10.38
N ASN A 36 13.48 -1.77 -10.47
CA ASN A 36 12.81 -0.92 -9.51
C ASN A 36 11.50 -0.43 -10.13
N ALA A 37 10.40 -0.57 -9.36
CA ALA A 37 9.13 0.02 -9.71
C ALA A 37 9.12 1.46 -9.22
N ALA A 38 9.39 2.39 -10.14
CA ALA A 38 9.65 3.77 -9.82
C ALA A 38 8.46 4.66 -10.18
N ASN A 39 8.55 5.92 -9.78
CA ASN A 39 7.65 6.97 -10.27
C ASN A 39 8.40 7.85 -11.27
N ARG A 40 7.66 8.76 -11.91
CA ARG A 40 8.16 9.59 -13.01
C ARG A 40 9.38 10.42 -12.59
N HIS A 41 9.48 10.80 -11.31
CA HIS A 41 10.56 11.69 -10.85
C HIS A 41 11.66 10.91 -10.10
N LEU A 42 11.61 9.57 -10.16
CA LEU A 42 12.54 8.68 -9.45
C LEU A 42 12.75 9.15 -8.01
N LYS A 43 11.66 9.49 -7.33
CA LYS A 43 11.67 9.81 -5.92
C LYS A 43 11.32 8.54 -5.15
N HIS A 44 12.31 7.97 -4.45
CA HIS A 44 12.23 6.59 -3.95
C HIS A 44 11.84 6.59 -2.47
N GLY A 45 10.69 7.18 -2.16
CA GLY A 45 10.29 7.43 -0.78
C GLY A 45 9.62 6.23 -0.11
N GLY A 46 9.12 5.27 -0.89
CA GLY A 46 8.36 4.14 -0.35
C GLY A 46 8.27 2.97 -1.32
N GLY A 47 7.53 1.93 -0.89
CA GLY A 47 7.40 0.70 -1.66
C GLY A 47 8.75 0.03 -1.87
N ILE A 48 8.87 -0.73 -2.97
CA ILE A 48 10.14 -1.43 -3.25
C ILE A 48 11.23 -0.39 -3.55
N ALA A 49 10.86 0.76 -4.13
CA ALA A 49 11.84 1.82 -4.42
C ALA A 49 12.55 2.25 -3.14
N GLY A 50 11.75 2.42 -2.08
CA GLY A 50 12.27 2.76 -0.77
C GLY A 50 13.21 1.69 -0.25
N VAL A 51 12.83 0.43 -0.38
CA VAL A 51 13.62 -0.71 0.11
C VAL A 51 14.95 -0.79 -0.66
N ILE A 52 14.90 -0.59 -1.98
CA ILE A 52 16.11 -0.57 -2.79
C ILE A 52 17.02 0.60 -2.38
N ASN A 53 16.45 1.80 -2.26
CA ASN A 53 17.25 2.96 -1.92
C ASN A 53 17.92 2.74 -0.56
N LYS A 54 17.15 2.26 0.42
CA LYS A 54 17.68 2.08 1.78
C LYS A 54 18.76 0.98 1.80
N ALA A 55 18.58 -0.07 1.00
CA ALA A 55 19.58 -1.15 0.88
C ALA A 55 20.90 -0.62 0.29
N SER A 56 20.82 0.47 -0.47
CA SER A 56 21.99 1.12 -1.07
C SER A 56 22.52 2.25 -0.18
N GLY A 57 21.91 2.46 0.99
CA GLY A 57 22.27 3.54 1.91
C GLY A 57 22.08 4.93 1.30
N GLY A 58 21.15 5.06 0.36
CA GLY A 58 20.83 6.35 -0.26
C GLY A 58 21.57 6.61 -1.57
N ASP A 59 22.45 5.68 -1.98
CA ASP A 59 23.27 5.83 -3.19
C ASP A 59 22.35 5.92 -4.43
N VAL A 60 21.28 5.12 -4.41
CA VAL A 60 20.35 5.06 -5.55
C VAL A 60 19.65 6.40 -5.72
N GLN A 61 19.18 6.99 -4.61
CA GLN A 61 18.49 8.27 -4.69
C GLN A 61 19.44 9.36 -5.20
N GLU A 62 20.69 9.33 -4.72
CA GLU A 62 21.71 10.30 -5.14
C GLU A 62 21.86 10.26 -6.67
N GLU A 63 22.00 9.05 -7.22
CA GLU A 63 22.16 8.87 -8.65
C GLU A 63 20.90 9.27 -9.41
N SER A 64 19.73 8.87 -8.89
CA SER A 64 18.45 9.19 -9.50
C SER A 64 18.26 10.70 -9.61
N ASP A 65 18.63 11.42 -8.54
CA ASP A 65 18.50 12.86 -8.49
C ASP A 65 19.35 13.51 -9.60
N GLU A 66 20.57 13.00 -9.77
CA GLU A 66 21.45 13.51 -10.82
C GLU A 66 20.80 13.27 -12.20
N TYR A 67 20.23 12.08 -12.41
CA TYR A 67 19.61 11.78 -13.68
C TYR A 67 18.43 12.73 -13.95
N ILE A 68 17.55 12.88 -12.95
CA ILE A 68 16.32 13.65 -13.15
C ILE A 68 16.65 15.14 -13.22
N SER A 69 17.53 15.61 -12.32
CA SER A 69 17.90 17.02 -12.25
C SER A 69 18.38 17.53 -13.62
N ASN A 70 19.10 16.67 -14.34
CA ASN A 70 19.69 17.03 -15.61
C ASN A 70 18.77 16.72 -16.78
N ASN A 71 17.89 15.71 -16.68
CA ASN A 71 17.19 15.16 -17.87
C ASN A 71 15.66 15.23 -17.76
N GLY A 72 15.14 15.65 -16.60
CA GLY A 72 13.71 15.85 -16.44
C GLY A 72 12.98 14.55 -16.17
N PRO A 73 11.67 14.62 -15.83
CA PRO A 73 10.91 13.44 -15.45
C PRO A 73 10.71 12.46 -16.61
N LEU A 74 10.55 11.19 -16.26
CA LEU A 74 10.26 10.16 -17.23
C LEU A 74 8.77 10.21 -17.60
N HIS A 75 8.44 9.64 -18.75
CA HIS A 75 7.06 9.37 -19.10
C HIS A 75 6.63 8.03 -18.48
N VAL A 76 5.34 7.90 -18.18
CA VAL A 76 4.79 6.63 -17.75
C VAL A 76 5.05 5.60 -18.84
N GLY A 77 5.57 4.45 -18.43
CA GLY A 77 5.92 3.36 -19.32
C GLY A 77 7.39 3.33 -19.68
N ASP A 78 8.11 4.45 -19.47
CA ASP A 78 9.53 4.53 -19.78
C ASP A 78 10.35 3.86 -18.68
N SER A 79 11.63 3.64 -19.00
CA SER A 79 12.58 3.06 -18.08
C SER A 79 13.96 3.67 -18.33
N VAL A 80 14.81 3.60 -17.31
CA VAL A 80 16.21 4.07 -17.39
C VAL A 80 17.09 3.07 -16.66
N LEU A 81 18.19 2.67 -17.31
CA LEU A 81 19.15 1.77 -16.72
C LEU A 81 20.21 2.60 -15.98
N LEU A 82 20.31 2.38 -14.67
CA LEU A 82 21.27 3.09 -13.82
C LEU A 82 22.16 2.08 -13.11
N LYS A 83 23.10 2.57 -12.30
CA LYS A 83 24.07 1.73 -11.61
C LYS A 83 23.39 0.81 -10.59
N GLY A 84 24.13 -0.25 -10.21
CA GLY A 84 23.62 -1.32 -9.35
C GLY A 84 23.89 -1.13 -7.87
N HIS A 85 24.91 -0.35 -7.52
CA HIS A 85 25.22 0.00 -6.11
C HIS A 85 25.39 -1.25 -5.24
N GLY A 86 25.91 -2.32 -5.84
CA GLY A 86 26.20 -3.56 -5.14
C GLY A 86 24.98 -4.47 -4.95
N LEU A 87 23.79 -4.02 -5.40
CA LEU A 87 22.56 -4.83 -5.30
C LEU A 87 22.43 -5.80 -6.47
N ALA A 88 22.98 -5.39 -7.62
CA ALA A 88 22.88 -6.10 -8.90
C ALA A 88 23.88 -5.47 -9.86
N ASP A 89 24.01 -6.03 -11.07
CA ASP A 89 24.93 -5.46 -12.07
C ASP A 89 24.47 -4.06 -12.46
N ALA A 90 23.15 -3.84 -12.47
CA ALA A 90 22.56 -2.56 -12.78
C ALA A 90 21.13 -2.59 -12.25
N ILE A 91 20.52 -1.41 -12.09
CA ILE A 91 19.11 -1.29 -11.74
C ILE A 91 18.37 -0.63 -12.90
N LEU A 92 17.32 -1.31 -13.38
CA LEU A 92 16.42 -0.78 -14.39
C LEU A 92 15.22 -0.18 -13.67
N HIS A 93 15.15 1.15 -13.68
CA HIS A 93 14.06 1.87 -13.08
C HIS A 93 12.95 1.97 -14.12
N VAL A 94 11.79 1.39 -13.79
CA VAL A 94 10.67 1.31 -14.71
C VAL A 94 9.51 2.08 -14.09
N VAL A 95 8.86 2.92 -14.90
CA VAL A 95 7.74 3.71 -14.41
C VAL A 95 6.44 3.04 -14.87
N GLY A 96 5.83 2.28 -13.96
CA GLY A 96 4.54 1.67 -14.22
C GLY A 96 3.41 2.68 -14.15
N PRO A 97 2.25 2.38 -14.78
CA PRO A 97 1.07 3.23 -14.67
C PRO A 97 0.51 3.19 -13.25
N ASP A 98 0.10 4.36 -12.78
CA ASP A 98 -0.57 4.55 -11.50
C ASP A 98 -2.08 4.65 -11.75
N ALA A 99 -2.79 3.60 -11.37
CA ALA A 99 -4.25 3.54 -11.56
C ALA A 99 -4.96 4.61 -10.73
N ARG A 100 -4.34 5.09 -9.66
CA ARG A 100 -4.92 6.17 -8.84
C ARG A 100 -4.99 7.47 -9.65
N ASN A 101 -4.12 7.60 -10.65
CA ASN A 101 -4.05 8.78 -11.51
C ASN A 101 -4.64 8.48 -12.90
N ASN A 102 -5.47 7.43 -12.97
CA ASN A 102 -6.23 7.07 -14.17
C ASN A 102 -5.28 6.72 -15.33
N GLU A 103 -4.10 6.17 -15.00
CA GLU A 103 -3.14 5.71 -16.01
C GLU A 103 -3.45 4.23 -16.31
N ASP A 104 -3.46 3.89 -17.60
CA ASP A 104 -3.97 2.62 -18.07
C ASP A 104 -2.93 1.51 -17.85
N ALA A 105 -3.41 0.34 -17.41
CA ALA A 105 -2.58 -0.83 -17.16
C ALA A 105 -1.86 -1.29 -18.43
N ALA A 106 -2.41 -1.00 -19.62
CA ALA A 106 -1.81 -1.45 -20.88
C ALA A 106 -0.40 -0.88 -21.09
N LEU A 107 -0.07 0.24 -20.42
CA LEU A 107 1.29 0.81 -20.48
C LEU A 107 2.33 -0.13 -19.86
N LEU A 108 1.90 -1.13 -19.07
CA LEU A 108 2.80 -2.19 -18.58
C LEU A 108 3.47 -2.95 -19.74
N LYS A 109 2.83 -2.99 -20.91
CA LYS A 109 3.47 -3.61 -22.08
C LYS A 109 4.86 -2.98 -22.30
N ARG A 110 4.92 -1.65 -22.28
CA ARG A 110 6.17 -0.88 -22.49
C ARG A 110 7.18 -1.18 -21.36
N CYS A 111 6.68 -1.23 -20.13
CA CYS A 111 7.52 -1.53 -18.97
C CYS A 111 8.21 -2.88 -19.15
N TYR A 112 7.41 -3.90 -19.50
CA TYR A 112 7.90 -5.26 -19.51
C TYR A 112 8.75 -5.56 -20.76
N LYS A 113 8.46 -4.89 -21.89
CA LYS A 113 9.26 -5.11 -23.10
C LYS A 113 10.71 -4.67 -22.87
N ALA A 114 10.91 -3.70 -21.97
CA ALA A 114 12.27 -3.18 -21.67
C ALA A 114 13.15 -4.25 -21.03
N PHE A 115 12.54 -5.32 -20.49
CA PHE A 115 13.29 -6.40 -19.85
C PHE A 115 14.12 -7.19 -20.85
N ASN A 116 13.65 -7.27 -22.11
CA ASN A 116 14.00 -8.39 -22.98
C ASN A 116 15.43 -8.31 -23.50
N LYS A 117 16.05 -7.14 -23.47
CA LYS A 117 17.44 -7.01 -23.92
C LYS A 117 18.44 -7.43 -22.83
N HIS A 118 17.94 -7.73 -21.63
CA HIS A 118 18.76 -8.14 -20.49
C HIS A 118 18.69 -9.66 -20.32
N THR A 119 19.83 -10.26 -19.99
CA THR A 119 19.96 -11.71 -19.97
C THR A 119 19.20 -12.34 -18.80
N ILE A 120 19.34 -11.75 -17.60
CA ILE A 120 18.64 -12.20 -16.39
C ILE A 120 18.07 -10.96 -15.67
N VAL A 121 16.78 -11.03 -15.36
CA VAL A 121 16.06 -9.94 -14.70
C VAL A 121 15.41 -10.47 -13.42
N VAL A 122 15.52 -9.69 -12.35
CA VAL A 122 14.82 -9.89 -11.10
C VAL A 122 13.90 -8.68 -10.92
N THR A 123 12.61 -8.92 -10.76
CA THR A 123 11.63 -7.87 -10.79
C THR A 123 10.53 -8.10 -9.77
N PRO A 124 9.96 -7.03 -9.21
CA PRO A 124 8.64 -7.10 -8.60
C PRO A 124 7.55 -7.05 -9.68
N LEU A 125 6.29 -7.26 -9.29
CA LEU A 125 5.17 -7.05 -10.19
C LEU A 125 4.92 -5.54 -10.31
N ILE A 126 5.16 -5.00 -11.49
CA ILE A 126 5.09 -3.55 -11.68
C ILE A 126 3.64 -3.09 -11.53
N SER A 127 3.47 -1.96 -10.82
CA SER A 127 2.19 -1.28 -10.60
C SER A 127 1.25 -2.05 -9.66
N ALA A 128 1.71 -3.14 -9.03
CA ALA A 128 0.84 -4.00 -8.18
C ALA A 128 0.83 -3.55 -6.71
N GLY A 129 1.63 -2.54 -6.37
CA GLY A 129 1.66 -1.96 -5.03
C GLY A 129 0.70 -0.78 -4.94
N ILE A 130 1.18 0.38 -4.53
CA ILE A 130 0.26 1.53 -4.36
C ILE A 130 -0.25 2.02 -5.72
N PHE A 131 0.39 1.62 -6.83
CA PHE A 131 -0.12 2.02 -8.15
C PHE A 131 -1.40 1.25 -8.51
N SER A 132 -1.77 0.26 -7.69
CA SER A 132 -3.17 -0.22 -7.58
C SER A 132 -3.66 -0.94 -8.86
N VAL A 133 -2.74 -1.58 -9.57
CA VAL A 133 -3.11 -2.54 -10.62
C VAL A 133 -3.22 -3.92 -9.97
N ASP A 134 -4.28 -4.65 -10.32
CA ASP A 134 -4.50 -6.03 -9.88
C ASP A 134 -3.22 -6.84 -10.13
N PRO A 135 -2.67 -7.56 -9.12
CA PRO A 135 -1.48 -8.37 -9.35
C PRO A 135 -1.62 -9.39 -10.50
N LYS A 136 -2.82 -9.97 -10.67
CA LYS A 136 -3.07 -10.95 -11.73
C LYS A 136 -2.93 -10.26 -13.10
N VAL A 137 -3.44 -9.03 -13.20
CA VAL A 137 -3.35 -8.23 -14.44
C VAL A 137 -1.87 -7.91 -14.74
N SER A 138 -1.14 -7.37 -13.76
CA SER A 138 0.29 -7.08 -13.94
C SER A 138 1.03 -8.34 -14.42
N PHE A 139 0.75 -9.48 -13.77
CA PHE A 139 1.43 -10.75 -14.04
C PHE A 139 1.11 -11.25 -15.46
N GLU A 140 -0.15 -11.07 -15.89
CA GLU A 140 -0.59 -11.42 -17.24
C GLU A 140 0.20 -10.58 -18.27
N TYR A 141 0.39 -9.27 -18.01
CA TYR A 141 1.16 -8.39 -18.91
C TYR A 141 2.62 -8.84 -18.97
N LEU A 142 3.16 -9.26 -17.82
CA LEU A 142 4.53 -9.77 -17.72
C LEU A 142 4.67 -11.00 -18.62
N LEU A 143 3.79 -12.00 -18.43
CA LEU A 143 3.91 -13.28 -19.14
C LEU A 143 3.74 -13.08 -20.64
N ALA A 144 2.89 -12.13 -21.05
CA ALA A 144 2.59 -11.87 -22.45
C ALA A 144 3.78 -11.23 -23.19
N ASN A 145 4.63 -10.52 -22.45
CA ASN A 145 5.60 -9.59 -23.07
C ASN A 145 7.07 -9.98 -22.78
N VAL A 146 7.32 -10.73 -21.70
CA VAL A 146 8.69 -11.01 -21.28
C VAL A 146 9.14 -12.31 -21.95
N THR A 147 10.31 -12.23 -22.60
CA THR A 147 10.88 -13.34 -23.36
C THR A 147 12.27 -13.71 -22.81
N THR A 148 12.76 -12.98 -21.80
CA THR A 148 14.06 -13.24 -21.22
C THR A 148 13.88 -13.91 -19.86
N THR A 149 14.97 -14.49 -19.34
CA THR A 149 14.96 -15.19 -18.06
C THR A 149 14.68 -14.19 -16.94
N THR A 150 13.54 -14.38 -16.26
CA THR A 150 13.01 -13.41 -15.31
C THR A 150 12.54 -14.12 -14.05
N TYR A 151 12.99 -13.61 -12.90
CA TYR A 151 12.50 -14.02 -11.59
C TYR A 151 11.55 -12.93 -11.09
N VAL A 152 10.26 -13.25 -11.04
CA VAL A 152 9.23 -12.32 -10.59
C VAL A 152 8.99 -12.61 -9.12
N VAL A 153 9.24 -11.61 -8.27
CA VAL A 153 9.31 -11.83 -6.84
C VAL A 153 8.16 -11.09 -6.16
N VAL A 154 7.37 -11.86 -5.39
CA VAL A 154 6.27 -11.36 -4.59
C VAL A 154 6.54 -11.79 -3.14
N ASN A 155 6.20 -10.92 -2.19
CA ASN A 155 6.52 -11.14 -0.77
C ASN A 155 5.25 -11.52 0.02
N ASN A 156 4.14 -11.76 -0.69
CA ASN A 156 2.86 -12.07 -0.07
C ASN A 156 2.44 -13.47 -0.54
N GLU A 157 2.32 -14.41 0.40
CA GLU A 157 2.09 -15.83 0.07
C GLU A 157 0.72 -15.99 -0.60
N ASP A 158 -0.26 -15.17 -0.21
CA ASP A 158 -1.61 -15.25 -0.77
C ASP A 158 -1.60 -14.83 -2.25
N ILE A 159 -0.85 -13.77 -2.57
CA ILE A 159 -0.69 -13.32 -3.95
C ILE A 159 0.10 -14.38 -4.73
N TYR A 160 1.17 -14.90 -4.13
CA TYR A 160 1.96 -15.98 -4.71
C TYR A 160 1.04 -17.15 -5.11
N ASN A 161 0.23 -17.62 -4.15
CA ASN A 161 -0.62 -18.78 -4.36
C ASN A 161 -1.60 -18.51 -5.52
N THR A 162 -2.17 -17.30 -5.56
CA THR A 162 -3.15 -16.91 -6.59
C THR A 162 -2.51 -17.00 -7.99
N LEU A 163 -1.28 -16.49 -8.11
CA LEU A 163 -0.58 -16.38 -9.39
C LEU A 163 0.01 -17.74 -9.79
N ALA A 164 0.34 -18.57 -8.79
CA ALA A 164 0.97 -19.88 -9.00
C ALA A 164 -0.04 -20.91 -9.52
N THR A 165 -1.35 -20.59 -9.43
CA THR A 165 -2.46 -21.43 -9.94
C THR A 165 -2.11 -22.01 -11.32
N LYS B 5 -7.62 18.67 -5.95
CA LYS B 5 -9.07 18.25 -5.85
C LYS B 5 -9.55 18.35 -4.39
N TYR B 6 -8.72 17.88 -3.44
CA TYR B 6 -8.97 18.00 -2.01
C TYR B 6 -7.83 18.78 -1.34
N LYS B 7 -8.16 19.53 -0.28
CA LYS B 7 -7.13 20.08 0.61
C LYS B 7 -6.42 18.89 1.27
N HIS B 8 -5.09 18.81 1.09
CA HIS B 8 -4.31 17.71 1.64
C HIS B 8 -2.85 18.12 1.85
N THR B 9 -2.21 17.42 2.79
CA THR B 9 -0.84 17.68 3.22
C THR B 9 -0.12 16.34 3.34
N VAL B 10 1.00 16.19 2.63
CA VAL B 10 1.85 15.03 2.78
C VAL B 10 2.67 15.20 4.05
N ILE B 11 2.51 14.28 5.00
CA ILE B 11 3.13 14.38 6.31
C ILE B 11 4.49 13.69 6.30
N ASN B 12 4.53 12.48 5.73
CA ASN B 12 5.76 11.73 5.59
C ASN B 12 5.62 10.82 4.37
N ASN B 13 6.58 9.91 4.17
CA ASN B 13 6.60 9.05 3.01
C ASN B 13 5.40 8.07 3.02
N SER B 14 4.75 7.91 4.17
CA SER B 14 3.62 6.98 4.31
C SER B 14 2.26 7.69 4.38
N VAL B 15 2.19 8.79 5.13
CA VAL B 15 0.92 9.37 5.61
C VAL B 15 0.64 10.69 4.88
N THR B 16 -0.58 10.80 4.33
CA THR B 16 -1.13 12.02 3.77
C THR B 16 -2.38 12.39 4.56
N LEU B 17 -2.44 13.65 5.02
CA LEU B 17 -3.61 14.21 5.74
C LEU B 17 -4.52 14.93 4.75
N VAL B 18 -5.83 14.63 4.82
CA VAL B 18 -6.81 15.06 3.81
C VAL B 18 -8.00 15.67 4.54
N LEU B 19 -8.39 16.89 4.15
CA LEU B 19 -9.65 17.47 4.58
C LEU B 19 -10.75 17.00 3.64
N GLY B 20 -11.69 16.20 4.17
CA GLY B 20 -12.81 15.72 3.40
C GLY B 20 -13.56 14.62 4.11
N ASP B 21 -14.23 13.78 3.32
CA ASP B 21 -15.06 12.66 3.78
C ASP B 21 -14.37 11.34 3.42
N ALA B 22 -14.16 10.48 4.43
CA ALA B 22 -13.40 9.23 4.29
C ALA B 22 -14.06 8.31 3.25
N ILE B 23 -15.39 8.24 3.24
CA ILE B 23 -16.10 7.39 2.28
C ILE B 23 -15.85 7.92 0.86
N GLN B 24 -15.86 9.25 0.70
CA GLN B 24 -15.62 9.89 -0.59
C GLN B 24 -14.21 9.54 -1.10
N ILE B 25 -13.24 9.58 -0.21
CA ILE B 25 -11.82 9.35 -0.56
C ILE B 25 -11.61 7.87 -0.86
N ALA B 26 -12.25 6.99 -0.09
CA ALA B 26 -12.17 5.56 -0.34
C ALA B 26 -12.78 5.21 -1.71
N SER B 27 -13.88 5.87 -2.08
CA SER B 27 -14.53 5.63 -3.38
C SER B 27 -13.61 6.02 -4.55
N LEU B 28 -12.85 7.10 -4.37
CA LEU B 28 -12.02 7.71 -5.42
C LEU B 28 -10.82 6.81 -5.73
N LEU B 29 -10.32 6.10 -4.71
CA LEU B 29 -9.14 5.22 -4.87
C LEU B 29 -9.59 3.89 -5.45
N PRO B 30 -8.89 3.36 -6.50
CA PRO B 30 -9.27 2.08 -7.10
C PRO B 30 -9.09 0.86 -6.18
N LYS B 31 -8.11 0.92 -5.27
CA LYS B 31 -7.86 -0.15 -4.32
C LYS B 31 -7.52 0.47 -2.96
N CYS B 32 -8.28 0.09 -1.93
CA CYS B 32 -7.96 0.50 -0.59
C CYS B 32 -8.76 -0.31 0.44
N ILE B 33 -8.28 -0.27 1.67
CA ILE B 33 -9.01 -0.66 2.86
C ILE B 33 -9.57 0.63 3.48
N LEU B 34 -10.84 0.61 3.85
CA LEU B 34 -11.45 1.68 4.64
C LEU B 34 -11.47 1.24 6.10
N VAL B 35 -11.03 2.12 7.00
CA VAL B 35 -11.04 1.85 8.41
C VAL B 35 -12.31 2.44 9.02
N ASN B 36 -12.98 1.60 9.83
CA ASN B 36 -14.06 2.00 10.67
C ASN B 36 -13.57 2.11 12.12
N ALA B 37 -13.88 3.25 12.75
CA ALA B 37 -13.67 3.44 14.18
C ALA B 37 -14.88 2.86 14.91
N ALA B 38 -14.74 1.60 15.32
CA ALA B 38 -15.83 0.80 15.83
C ALA B 38 -15.80 0.74 17.36
N ASN B 39 -16.89 0.23 17.95
CA ASN B 39 -16.86 -0.19 19.34
C ASN B 39 -16.69 -1.70 19.40
N ARG B 40 -16.48 -2.22 20.62
CA ARG B 40 -16.12 -3.63 20.82
C ARG B 40 -17.25 -4.57 20.38
N HIS B 41 -18.47 -4.05 20.24
CA HIS B 41 -19.66 -4.83 19.90
C HIS B 41 -19.98 -4.77 18.40
N LEU B 42 -19.17 -4.01 17.64
CA LEU B 42 -19.41 -3.69 16.23
C LEU B 42 -20.88 -3.30 16.03
N LYS B 43 -21.39 -2.45 16.94
CA LYS B 43 -22.71 -1.86 16.79
C LYS B 43 -22.51 -0.44 16.27
N HIS B 44 -22.94 -0.21 15.03
CA HIS B 44 -22.58 0.94 14.24
C HIS B 44 -23.73 1.96 14.25
N GLY B 45 -24.14 2.37 15.45
CA GLY B 45 -25.35 3.16 15.63
C GLY B 45 -25.13 4.66 15.46
N GLY B 46 -23.88 5.10 15.39
CA GLY B 46 -23.55 6.53 15.25
C GLY B 46 -22.08 6.77 14.95
N GLY B 47 -21.68 8.04 14.93
CA GLY B 47 -20.32 8.43 14.55
C GLY B 47 -19.98 7.97 13.14
N ILE B 48 -18.69 7.79 12.84
CA ILE B 48 -18.28 7.38 11.48
C ILE B 48 -18.81 5.97 11.19
N ALA B 49 -18.92 5.13 12.23
CA ALA B 49 -19.47 3.79 12.06
C ALA B 49 -20.88 3.85 11.47
N GLY B 50 -21.70 4.77 12.00
CA GLY B 50 -23.06 4.98 11.53
C GLY B 50 -23.10 5.41 10.07
N VAL B 51 -22.19 6.31 9.68
CA VAL B 51 -22.14 6.82 8.32
C VAL B 51 -21.74 5.68 7.36
N ILE B 52 -20.77 4.85 7.77
CA ILE B 52 -20.33 3.72 6.96
C ILE B 52 -21.48 2.72 6.80
N ASN B 53 -22.15 2.39 7.91
CA ASN B 53 -23.23 1.41 7.87
C ASN B 53 -24.36 1.92 6.96
N LYS B 54 -24.72 3.20 7.10
CA LYS B 54 -25.81 3.78 6.33
C LYS B 54 -25.43 3.87 4.85
N ALA B 55 -24.15 4.11 4.54
CA ALA B 55 -23.68 4.13 3.14
C ALA B 55 -23.79 2.73 2.51
N SER B 56 -23.74 1.68 3.34
CA SER B 56 -23.86 0.29 2.91
C SER B 56 -25.32 -0.18 2.95
N GLY B 57 -26.25 0.70 3.35
CA GLY B 57 -27.66 0.37 3.48
C GLY B 57 -27.93 -0.70 4.53
N GLY B 58 -27.05 -0.82 5.53
CA GLY B 58 -27.21 -1.78 6.63
C GLY B 58 -26.45 -3.09 6.42
N ASP B 59 -25.78 -3.26 5.28
CA ASP B 59 -25.07 -4.50 4.96
C ASP B 59 -23.93 -4.71 5.97
N VAL B 60 -23.25 -3.62 6.33
CA VAL B 60 -22.14 -3.66 7.27
C VAL B 60 -22.63 -4.17 8.63
N GLN B 61 -23.75 -3.63 9.12
CA GLN B 61 -24.26 -4.05 10.42
C GLN B 61 -24.68 -5.52 10.38
N GLU B 62 -25.29 -5.95 9.28
CA GLU B 62 -25.73 -7.33 9.10
C GLU B 62 -24.52 -8.28 9.27
N GLU B 63 -23.42 -7.97 8.57
CA GLU B 63 -22.21 -8.79 8.62
C GLU B 63 -21.59 -8.75 10.01
N SER B 64 -21.56 -7.55 10.61
CA SER B 64 -20.97 -7.34 11.93
C SER B 64 -21.70 -8.19 12.99
N ASP B 65 -23.03 -8.21 12.93
CA ASP B 65 -23.86 -8.98 13.84
C ASP B 65 -23.55 -10.47 13.73
N GLU B 66 -23.35 -10.96 12.50
CA GLU B 66 -22.98 -12.37 12.28
C GLU B 66 -21.62 -12.65 12.93
N TYR B 67 -20.66 -11.76 12.70
CA TYR B 67 -19.33 -11.93 13.27
C TYR B 67 -19.41 -12.00 14.80
N ILE B 68 -20.12 -11.05 15.42
CA ILE B 68 -20.16 -11.00 16.90
C ILE B 68 -20.93 -12.22 17.45
N SER B 69 -21.93 -12.69 16.70
CA SER B 69 -22.70 -13.86 17.08
C SER B 69 -21.82 -15.11 17.16
N ASN B 70 -20.76 -15.17 16.35
CA ASN B 70 -19.88 -16.33 16.28
C ASN B 70 -18.64 -16.17 17.17
N ASN B 71 -18.28 -14.94 17.56
CA ASN B 71 -16.98 -14.69 18.20
C ASN B 71 -17.10 -13.93 19.53
N GLY B 72 -18.23 -13.26 19.76
CA GLY B 72 -18.38 -12.42 20.95
C GLY B 72 -17.67 -11.08 20.78
N PRO B 73 -17.80 -10.17 21.77
CA PRO B 73 -17.20 -8.85 21.69
C PRO B 73 -15.67 -8.89 21.52
N LEU B 74 -15.15 -7.89 20.81
CA LEU B 74 -13.72 -7.71 20.64
C LEU B 74 -13.11 -7.12 21.91
N HIS B 75 -11.78 -7.27 22.03
CA HIS B 75 -11.00 -6.54 23.01
C HIS B 75 -10.68 -5.15 22.45
N VAL B 76 -10.59 -4.17 23.36
CA VAL B 76 -10.13 -2.84 23.01
C VAL B 76 -8.72 -2.97 22.42
N GLY B 77 -8.50 -2.30 21.28
CA GLY B 77 -7.24 -2.35 20.57
C GLY B 77 -7.22 -3.38 19.46
N ASP B 78 -8.20 -4.30 19.45
CA ASP B 78 -8.26 -5.32 18.43
C ASP B 78 -8.99 -4.77 17.20
N SER B 79 -8.87 -5.53 16.11
CA SER B 79 -9.47 -5.17 14.85
C SER B 79 -9.89 -6.44 14.11
N VAL B 80 -10.81 -6.28 13.16
CA VAL B 80 -11.26 -7.37 12.32
C VAL B 80 -11.51 -6.84 10.92
N LEU B 81 -10.98 -7.55 9.92
CA LEU B 81 -11.18 -7.22 8.52
C LEU B 81 -12.43 -7.94 8.00
N LEU B 82 -13.42 -7.15 7.59
CA LEU B 82 -14.65 -7.66 7.04
C LEU B 82 -14.85 -7.09 5.64
N LYS B 83 -15.97 -7.45 5.01
CA LYS B 83 -16.23 -7.11 3.63
C LYS B 83 -16.41 -5.61 3.44
N GLY B 84 -16.23 -5.19 2.18
CA GLY B 84 -16.20 -3.80 1.78
C GLY B 84 -17.57 -3.24 1.42
N HIS B 85 -18.48 -4.11 0.97
CA HIS B 85 -19.86 -3.73 0.64
C HIS B 85 -19.89 -2.57 -0.36
N GLY B 86 -18.92 -2.56 -1.28
CA GLY B 86 -18.86 -1.59 -2.35
C GLY B 86 -18.27 -0.24 -1.94
N LEU B 87 -17.89 -0.08 -0.66
CA LEU B 87 -17.29 1.18 -0.16
C LEU B 87 -15.77 1.17 -0.37
N ALA B 88 -15.18 -0.03 -0.35
CA ALA B 88 -13.74 -0.26 -0.44
C ALA B 88 -13.53 -1.75 -0.69
N ASP B 89 -12.29 -2.18 -0.90
CA ASP B 89 -12.00 -3.61 -1.10
C ASP B 89 -12.37 -4.41 0.15
N ALA B 90 -12.23 -3.79 1.32
CA ALA B 90 -12.57 -4.39 2.59
C ALA B 90 -12.67 -3.25 3.62
N ILE B 91 -13.30 -3.55 4.75
CA ILE B 91 -13.36 -2.60 5.86
C ILE B 91 -12.66 -3.22 7.08
N LEU B 92 -11.70 -2.46 7.62
CA LEU B 92 -11.00 -2.85 8.84
C LEU B 92 -11.67 -2.14 10.01
N HIS B 93 -12.41 -2.91 10.80
CA HIS B 93 -13.06 -2.41 11.99
C HIS B 93 -12.05 -2.43 13.14
N VAL B 94 -11.72 -1.24 13.64
CA VAL B 94 -10.74 -1.09 14.69
C VAL B 94 -11.44 -0.60 15.95
N VAL B 95 -11.07 -1.17 17.10
CA VAL B 95 -11.69 -0.80 18.37
C VAL B 95 -10.72 0.09 19.15
N GLY B 96 -10.87 1.40 19.02
CA GLY B 96 -10.04 2.32 19.74
C GLY B 96 -10.41 2.39 21.22
N PRO B 97 -9.50 2.87 22.08
CA PRO B 97 -9.80 3.07 23.49
C PRO B 97 -10.80 4.22 23.67
N ASP B 98 -11.74 4.00 24.59
CA ASP B 98 -12.72 5.00 25.00
C ASP B 98 -12.25 5.64 26.31
N ALA B 99 -11.81 6.91 26.22
CA ALA B 99 -11.30 7.62 27.39
C ALA B 99 -12.41 7.82 28.43
N ARG B 100 -13.68 7.84 28.00
CA ARG B 100 -14.81 7.97 28.94
C ARG B 100 -14.87 6.76 29.88
N ASN B 101 -14.39 5.60 29.41
CA ASN B 101 -14.40 4.33 30.13
C ASN B 101 -13.01 4.04 30.73
N ASN B 102 -12.19 5.09 30.89
CA ASN B 102 -10.86 5.04 31.48
C ASN B 102 -9.95 4.05 30.72
N GLU B 103 -10.11 3.97 29.40
CA GLU B 103 -9.22 3.18 28.54
C GLU B 103 -8.10 4.10 28.01
N ASP B 104 -6.87 3.60 28.04
CA ASP B 104 -5.68 4.40 27.79
C ASP B 104 -5.45 4.60 26.29
N ALA B 105 -5.08 5.83 25.91
CA ALA B 105 -4.81 6.18 24.52
C ALA B 105 -3.68 5.32 23.93
N ALA B 106 -2.77 4.81 24.76
CA ALA B 106 -1.62 4.01 24.27
C ALA B 106 -2.09 2.74 23.55
N LEU B 107 -3.33 2.30 23.79
CA LEU B 107 -3.88 1.15 23.05
C LEU B 107 -4.06 1.46 21.56
N LEU B 108 -4.03 2.74 21.18
CA LEU B 108 -4.05 3.12 19.76
C LEU B 108 -2.85 2.53 19.00
N LYS B 109 -1.75 2.22 19.70
CA LYS B 109 -0.62 1.53 19.07
C LYS B 109 -1.10 0.24 18.38
N ARG B 110 -1.90 -0.57 19.07
CA ARG B 110 -2.40 -1.83 18.52
C ARG B 110 -3.34 -1.57 17.33
N CYS B 111 -4.19 -0.55 17.46
CA CYS B 111 -5.11 -0.17 16.41
C CYS B 111 -4.36 0.16 15.12
N TYR B 112 -3.36 1.05 15.24
CA TYR B 112 -2.67 1.57 14.08
C TYR B 112 -1.69 0.55 13.48
N LYS B 113 -1.09 -0.31 14.31
CA LYS B 113 -0.18 -1.36 13.76
C LYS B 113 -0.94 -2.33 12.85
N ALA B 114 -2.25 -2.48 13.07
CA ALA B 114 -3.07 -3.35 12.22
C ALA B 114 -3.14 -2.85 10.76
N PHE B 115 -2.82 -1.58 10.52
CA PHE B 115 -2.87 -1.02 9.18
C PHE B 115 -1.80 -1.61 8.28
N ASN B 116 -0.66 -1.98 8.87
CA ASN B 116 0.62 -2.06 8.15
C ASN B 116 0.69 -3.23 7.17
N LYS B 117 -0.15 -4.26 7.34
CA LYS B 117 -0.17 -5.37 6.39
C LYS B 117 -0.91 -5.00 5.09
N HIS B 118 -1.62 -3.87 5.07
CA HIS B 118 -2.46 -3.45 3.94
C HIS B 118 -1.73 -2.41 3.09
N THR B 119 -1.91 -2.47 1.76
CA THR B 119 -1.12 -1.65 0.85
C THR B 119 -1.56 -0.18 0.88
N ILE B 120 -2.87 0.07 0.85
CA ILE B 120 -3.43 1.43 0.96
C ILE B 120 -4.58 1.42 1.96
N VAL B 121 -4.51 2.35 2.92
CA VAL B 121 -5.49 2.48 3.98
C VAL B 121 -6.07 3.90 3.92
N VAL B 122 -7.39 4.00 4.04
CA VAL B 122 -8.10 5.25 4.24
C VAL B 122 -8.71 5.18 5.64
N THR B 123 -8.40 6.16 6.48
CA THR B 123 -8.78 6.08 7.88
C THR B 123 -9.23 7.44 8.43
N PRO B 124 -10.20 7.45 9.37
CA PRO B 124 -10.37 8.59 10.26
C PRO B 124 -9.33 8.52 11.40
N LEU B 125 -9.30 9.56 12.25
CA LEU B 125 -8.49 9.53 13.49
C LEU B 125 -9.21 8.70 14.55
N ILE B 126 -8.63 7.56 14.90
CA ILE B 126 -9.29 6.62 15.81
C ILE B 126 -9.37 7.24 17.22
N SER B 127 -10.53 7.05 17.87
CA SER B 127 -10.83 7.49 19.24
C SER B 127 -10.99 9.01 19.38
N ALA B 128 -10.99 9.74 18.26
CA ALA B 128 -11.02 11.23 18.32
C ALA B 128 -12.45 11.77 18.33
N GLY B 129 -13.44 10.88 18.23
CA GLY B 129 -14.85 11.23 18.32
C GLY B 129 -15.32 11.17 19.77
N ILE B 130 -16.42 10.47 20.04
CA ILE B 130 -16.93 10.43 21.41
C ILE B 130 -16.00 9.66 22.34
N PHE B 131 -15.06 8.87 21.79
CA PHE B 131 -14.08 8.18 22.62
C PHE B 131 -13.10 9.18 23.26
N SER B 132 -13.13 10.44 22.83
CA SER B 132 -12.64 11.57 23.64
C SER B 132 -11.11 11.56 23.84
N VAL B 133 -10.38 11.03 22.84
CA VAL B 133 -8.93 11.23 22.75
C VAL B 133 -8.69 12.47 21.90
N ASP B 134 -7.75 13.32 22.35
CA ASP B 134 -7.34 14.53 21.63
C ASP B 134 -6.93 14.13 20.21
N PRO B 135 -7.44 14.79 19.15
CA PRO B 135 -7.07 14.42 17.78
C PRO B 135 -5.55 14.48 17.56
N LYS B 136 -4.86 15.45 18.17
CA LYS B 136 -3.42 15.55 18.04
C LYS B 136 -2.75 14.30 18.62
N VAL B 137 -3.24 13.81 19.77
CA VAL B 137 -2.71 12.59 20.40
C VAL B 137 -2.93 11.38 19.48
N SER B 138 -4.15 11.25 18.96
CA SER B 138 -4.49 10.14 18.07
C SER B 138 -3.57 10.17 16.84
N PHE B 139 -3.38 11.36 16.28
CA PHE B 139 -2.56 11.54 15.09
C PHE B 139 -1.10 11.17 15.38
N GLU B 140 -0.62 11.49 16.58
CA GLU B 140 0.76 11.21 16.98
C GLU B 140 0.98 9.69 17.05
N TYR B 141 0.02 8.97 17.64
CA TYR B 141 0.07 7.49 17.65
C TYR B 141 0.07 6.95 16.22
N LEU B 142 -0.73 7.56 15.33
CA LEU B 142 -0.80 7.14 13.92
C LEU B 142 0.58 7.28 13.28
N LEU B 143 1.18 8.48 13.39
CA LEU B 143 2.45 8.75 12.71
C LEU B 143 3.55 7.85 13.26
N ALA B 144 3.49 7.57 14.57
CA ALA B 144 4.51 6.78 15.26
C ALA B 144 4.47 5.30 14.84
N ASN B 145 3.32 4.82 14.36
CA ASN B 145 3.10 3.37 14.19
C ASN B 145 2.81 2.95 12.74
N VAL B 146 2.29 3.87 11.91
CA VAL B 146 1.85 3.50 10.56
C VAL B 146 3.04 3.61 9.60
N THR B 147 3.30 2.52 8.88
CA THR B 147 4.40 2.41 7.94
C THR B 147 3.89 2.15 6.51
N THR B 148 2.57 2.05 6.32
CA THR B 148 2.00 1.81 5.01
C THR B 148 1.36 3.09 4.47
N THR B 149 1.05 3.08 3.18
CA THR B 149 0.42 4.23 2.52
C THR B 149 -0.97 4.45 3.11
N THR B 150 -1.18 5.62 3.70
CA THR B 150 -2.36 5.89 4.50
C THR B 150 -2.86 7.31 4.22
N TYR B 151 -4.16 7.41 3.91
CA TYR B 151 -4.85 8.69 3.79
C TYR B 151 -5.67 8.87 5.07
N VAL B 152 -5.23 9.84 5.89
CA VAL B 152 -5.92 10.17 7.12
C VAL B 152 -6.88 11.33 6.83
N VAL B 153 -8.17 11.07 7.01
CA VAL B 153 -9.19 11.97 6.52
C VAL B 153 -9.91 12.57 7.74
N VAL B 154 -9.90 13.90 7.78
CA VAL B 154 -10.60 14.66 8.81
C VAL B 154 -11.58 15.58 8.09
N ASN B 155 -12.80 15.72 8.63
CA ASN B 155 -13.84 16.53 7.94
C ASN B 155 -13.95 17.92 8.57
N ASN B 156 -13.13 18.21 9.59
CA ASN B 156 -13.16 19.47 10.32
C ASN B 156 -11.90 20.26 9.96
N GLU B 157 -12.08 21.45 9.37
CA GLU B 157 -10.99 22.22 8.80
C GLU B 157 -10.04 22.73 9.89
N ASP B 158 -10.57 23.05 11.08
CA ASP B 158 -9.74 23.53 12.19
C ASP B 158 -8.85 22.41 12.71
N ILE B 159 -9.40 21.19 12.84
CA ILE B 159 -8.60 20.03 13.19
C ILE B 159 -7.54 19.80 12.10
N TYR B 160 -7.94 19.90 10.83
CA TYR B 160 -6.99 19.72 9.72
C TYR B 160 -5.84 20.73 9.86
N ASN B 161 -6.18 21.99 10.10
CA ASN B 161 -5.18 23.04 10.23
C ASN B 161 -4.19 22.72 11.36
N THR B 162 -4.71 22.27 12.51
CA THR B 162 -3.88 21.98 13.69
C THR B 162 -2.87 20.88 13.35
N LEU B 163 -3.35 19.80 12.72
CA LEU B 163 -2.55 18.62 12.45
C LEU B 163 -1.60 18.84 11.26
N ALA B 164 -1.93 19.77 10.37
CA ALA B 164 -1.14 20.02 9.16
C ALA B 164 0.10 20.86 9.47
N THR B 165 0.11 21.54 10.63
CA THR B 165 1.26 22.33 11.07
C THR B 165 2.12 21.50 12.03
PB ADQ C . 5.28 2.16 -7.05
O1B ADQ C . 5.35 2.42 -8.40
O2B ADQ C . 4.07 2.61 -6.53
O3B ADQ C . 6.31 2.90 -6.20
PA ADQ C . 4.30 -0.21 -7.69
O1A ADQ C . 4.61 0.05 -9.02
O2A ADQ C . 3.08 0.03 -7.40
O3A ADQ C . 5.24 0.61 -6.73
O5D ADQ C . 4.58 -1.71 -7.19
C5D ADQ C . 5.76 -2.46 -6.67
C4D ADQ C . 5.50 -3.73 -5.87
O4D ADQ C . 6.68 -4.57 -5.77
C3D ADQ C . 4.98 -3.63 -4.42
O3D ADQ C . 3.88 -4.50 -4.22
C2D ADQ C . 6.14 -4.21 -3.61
O2D ADQ C . 5.73 -4.78 -2.37
C1D ADQ C . 6.50 -5.29 -4.57
N9 ADQ C . 7.63 -6.18 -4.26
C8 ADQ C . 8.01 -7.26 -5.00
N7 ADQ C . 9.04 -7.91 -4.53
C5 ADQ C . 9.37 -7.20 -3.40
C6 ADQ C . 10.43 -7.32 -2.50
N6 ADQ C . 11.39 -8.22 -2.63
N1 ADQ C . 10.52 -6.42 -1.48
C2 ADQ C . 9.61 -5.45 -1.41
N3 ADQ C . 8.57 -5.22 -2.21
C4 ADQ C . 8.50 -6.14 -3.20
C1' ADQ C . 6.47 4.15 -6.34
C2' ADQ C . 7.75 4.78 -5.82
C3' ADQ C . 7.58 5.37 -4.43
C4' ADQ C . 6.54 6.42 -4.46
C5' ADQ C . 5.29 5.89 -5.15
C6' ADQ C . 5.09 6.66 -6.41
O2' ADQ C . 8.74 3.78 -5.70
O3' ADQ C . 8.73 6.11 -4.07
O4' ADQ C . 6.40 7.02 -3.16
O5' ADQ C . 5.37 4.48 -5.49
O6' ADQ C . 4.54 7.90 -6.20
PB ADQ D . -16.13 5.97 18.09
O1B ADQ D . -15.39 4.87 17.96
O2B ADQ D . -16.09 6.62 19.35
O3B ADQ D . -17.57 5.80 17.57
PA ADQ D . -14.21 7.28 17.64
O1A ADQ D . -13.28 6.25 17.64
O2A ADQ D . -14.31 7.95 18.80
O3A ADQ D . -15.64 7.05 17.09
O5D ADQ D . -14.22 8.30 16.35
C5D ADQ D . -13.11 8.82 15.53
C4D ADQ D . -13.26 10.05 14.62
O4D ADQ D . -13.78 9.82 13.29
C3D ADQ D . -13.91 11.37 15.09
O3D ADQ D . -12.88 12.32 15.22
C2D ADQ D . -14.70 11.83 13.86
O2D ADQ D . -14.79 13.24 13.68
C1D ADQ D . -13.81 11.16 12.82
N9 ADQ D . -14.04 11.32 11.38
C8 ADQ D . -13.03 11.52 10.48
N7 ADQ D . -13.42 11.54 9.24
C5 ADQ D . -14.79 11.35 9.32
C6 ADQ D . -15.79 11.19 8.34
N6 ADQ D . -15.54 11.16 7.04
N1 ADQ D . -17.07 10.97 8.77
C2 ADQ D . -17.30 10.91 10.07
N3 ADQ D . -16.44 11.02 11.09
C4 ADQ D . -15.19 11.23 10.65
C1' ADQ D . -18.03 5.22 18.34
C2' ADQ D . -18.18 3.77 17.94
C3' ADQ D . -19.51 3.66 17.24
C4' ADQ D . -20.51 3.79 18.36
C5' ADQ D . -20.15 4.97 19.25
C6' ADQ D . -19.46 4.55 20.53
O2' ADQ D . -17.09 3.26 17.22
O3' ADQ D . -19.64 2.43 16.58
O4' ADQ D . -21.87 3.77 18.00
O5' ADQ D . -19.26 5.86 18.56
O6' ADQ D . -19.82 3.29 21.06
#